data_6W05
#
_entry.id   6W05
#
_cell.length_a   64.157
_cell.length_b   81.728
_cell.length_c   84.023
_cell.angle_alpha   90.00
_cell.angle_beta   90.00
_cell.angle_gamma   90.00
#
_symmetry.space_group_name_H-M   'P 21 21 21'
#
loop_
_entity.id
_entity.type
_entity.pdbx_description
1 polymer 'Fab356 heavy chain'
2 polymer 'Fab356 light chain'
3 polymer 'NPNA2 peptide'
4 water water
#
loop_
_entity_poly.entity_id
_entity_poly.type
_entity_poly.pdbx_seq_one_letter_code
_entity_poly.pdbx_strand_id
1 'polypeptide(L)'
;VQLVESGGGVVQPGRSLRLSCAASGFTFRNFGMHWVRQTPGKGLEWVAVIWHDGSNKFYADSVEGRFTISRDNSKNMIYL
QMNSLRVEDTAIYYCARDSLFYDHDNSGYYGYWGQGTLVTVSSASTKGPSVFPLAPSSKSTSGGTAALGCLVKDYFPEPV
TVSWNSGALTSGVHTFPAVLQSSGLYSLSSVVTVPSSSLGTQTYICNVNHKPSNTKVDKKVEPK
;
H
2 'polypeptide(L)'
;QIVMTQSPATVSVSPGERATLSCRASRSVTSKLAWYQQKPGQAPRLLIYGASTRATGIPARFSGSGSGTEFTLTISSLQS
EDFAVYFCQQYNNGFTFGPGTKVDFKRTVAAPSVFIFPPSDEQLKSGTASVVCLLNNFYPREAKVQWKVDNALQSGNSQE
SVTEQDSKDSTYSLSSTLTLSKADYEKHKVYACEVTHQGLSSPVTKSFNRGE
;
L
3 'polypeptide(L)' NPNANPNA P
#
# COMPACT_ATOMS: atom_id res chain seq x y z
N VAL A 1 9.18 -19.33 18.16
CA VAL A 1 7.89 -18.65 18.23
C VAL A 1 7.27 -18.53 16.84
N GLN A 2 6.07 -19.08 16.67
CA GLN A 2 5.41 -19.10 15.37
C GLN A 2 3.92 -18.82 15.57
N LEU A 3 3.42 -17.74 14.99
CA LEU A 3 2.01 -17.40 14.97
C LEU A 3 1.49 -17.50 13.55
N VAL A 4 0.40 -18.23 13.35
CA VAL A 4 -0.14 -18.50 12.03
C VAL A 4 -1.64 -18.22 12.02
N GLU A 5 -2.06 -17.28 11.18
CA GLU A 5 -3.46 -16.95 10.99
C GLU A 5 -4.03 -17.66 9.76
N SER A 6 -5.34 -17.83 9.75
CA SER A 6 -6.08 -18.19 8.54
C SER A 6 -7.57 -17.99 8.83
N GLY A 7 -8.39 -18.29 7.83
CA GLY A 7 -9.83 -18.09 7.89
C GLY A 7 -10.34 -16.95 7.05
N GLY A 8 -9.47 -16.09 6.52
CA GLY A 8 -9.89 -14.95 5.74
C GLY A 8 -10.48 -15.36 4.39
N GLY A 9 -10.80 -14.35 3.60
CA GLY A 9 -11.42 -14.55 2.31
C GLY A 9 -12.28 -13.36 1.94
N VAL A 10 -13.22 -13.61 1.03
CA VAL A 10 -14.12 -12.57 0.51
C VAL A 10 -15.51 -12.83 1.06
N VAL A 11 -16.13 -11.79 1.63
CA VAL A 11 -17.49 -11.91 2.15
C VAL A 11 -18.28 -10.65 1.85
N GLN A 12 -19.59 -10.82 1.73
CA GLN A 12 -20.52 -9.71 1.56
C GLN A 12 -20.57 -8.86 2.82
N PRO A 13 -20.82 -7.56 2.69
CA PRO A 13 -21.12 -6.75 3.87
C PRO A 13 -22.40 -7.22 4.54
N GLY A 14 -22.51 -6.93 5.83
CA GLY A 14 -23.61 -7.43 6.62
C GLY A 14 -23.50 -8.87 7.06
N ARG A 15 -22.59 -9.65 6.47
CA ARG A 15 -22.40 -11.04 6.84
C ARG A 15 -21.35 -11.14 7.95
N SER A 16 -20.94 -12.36 8.29
CA SER A 16 -20.03 -12.62 9.40
C SER A 16 -18.89 -13.51 8.96
N LEU A 17 -17.85 -13.54 9.79
CA LEU A 17 -16.66 -14.35 9.53
C LEU A 17 -15.90 -14.53 10.84
N ARG A 18 -15.21 -15.68 10.95
CA ARG A 18 -14.39 -16.01 12.11
C ARG A 18 -12.96 -16.24 11.65
N LEU A 19 -12.00 -15.67 12.39
CA LEU A 19 -10.59 -15.86 12.12
C LEU A 19 -9.96 -16.75 13.18
N SER A 20 -8.86 -17.41 12.81
CA SER A 20 -8.15 -18.29 13.71
C SER A 20 -6.66 -17.96 13.67
N CYS A 21 -5.98 -18.23 14.78
CA CYS A 21 -4.55 -17.97 14.86
C CYS A 21 -3.92 -19.00 15.79
N ALA A 22 -3.15 -19.92 15.22
CA ALA A 22 -2.44 -20.91 16.01
C ALA A 22 -1.11 -20.34 16.51
N ALA A 23 -0.74 -20.72 17.74
CA ALA A 23 0.47 -20.23 18.37
C ALA A 23 1.36 -21.41 18.76
N SER A 24 2.67 -21.26 18.53
CA SER A 24 3.63 -22.32 18.77
C SER A 24 4.90 -21.73 19.37
N GLY A 25 5.64 -22.57 20.09
CA GLY A 25 6.99 -22.22 20.49
C GLY A 25 7.12 -21.26 21.65
N PHE A 26 6.14 -21.23 22.55
CA PHE A 26 6.20 -20.42 23.76
C PHE A 26 5.03 -20.82 24.65
N THR A 27 5.10 -20.39 25.91
CA THR A 27 4.04 -20.71 26.87
C THR A 27 2.84 -19.82 26.58
N PHE A 28 1.81 -20.41 25.96
CA PHE A 28 0.70 -19.61 25.45
C PHE A 28 -0.15 -19.03 26.57
N ARG A 29 -0.45 -19.83 27.59
CA ARG A 29 -1.31 -19.38 28.68
C ARG A 29 -0.72 -18.23 29.48
N ASN A 30 0.56 -17.89 29.27
CA ASN A 30 1.23 -16.86 30.04
C ASN A 30 1.33 -15.53 29.31
N PHE A 31 0.58 -15.35 28.22
CA PHE A 31 0.67 -14.13 27.43
C PHE A 31 -0.70 -13.72 26.94
N GLY A 32 -0.97 -12.42 26.99
CA GLY A 32 -2.11 -11.89 26.29
C GLY A 32 -1.82 -11.74 24.80
N MET A 33 -2.87 -11.80 24.01
CA MET A 33 -2.74 -11.73 22.56
C MET A 33 -3.54 -10.56 22.01
N HIS A 34 -3.16 -10.12 20.80
CA HIS A 34 -3.77 -8.97 20.15
C HIS A 34 -4.19 -9.34 18.73
N TRP A 35 -5.12 -8.55 18.20
CA TRP A 35 -5.44 -8.54 16.77
C TRP A 35 -5.16 -7.13 16.25
N VAL A 36 -4.35 -7.04 15.20
CA VAL A 36 -4.03 -5.77 14.56
C VAL A 36 -4.29 -5.91 13.07
N ARG A 37 -4.89 -4.90 12.46
CA ARG A 37 -5.22 -4.93 11.05
C ARG A 37 -4.52 -3.81 10.29
N GLN A 38 -4.19 -4.07 9.04
CA GLN A 38 -3.48 -3.12 8.19
C GLN A 38 -4.27 -2.85 6.93
N THR A 39 -4.35 -1.58 6.54
CA THR A 39 -5.05 -1.17 5.34
C THR A 39 -4.12 -0.30 4.50
N PRO A 40 -4.17 -0.44 3.18
CA PRO A 40 -3.46 0.50 2.28
C PRO A 40 -4.26 1.79 2.15
N GLY A 41 -4.09 2.67 3.13
CA GLY A 41 -4.90 3.87 3.18
C GLY A 41 -5.08 4.41 4.58
N LYS A 42 -5.39 3.53 5.54
CA LYS A 42 -5.42 3.90 6.95
C LYS A 42 -4.30 3.28 7.75
N GLY A 43 -3.37 2.56 7.11
CA GLY A 43 -2.19 2.09 7.83
C GLY A 43 -2.50 0.96 8.79
N LEU A 44 -1.80 0.96 9.93
CA LEU A 44 -1.93 -0.09 10.94
C LEU A 44 -2.92 0.33 12.02
N GLU A 45 -3.87 -0.56 12.31
CA GLU A 45 -4.92 -0.28 13.29
C GLU A 45 -5.06 -1.45 14.24
N TRP A 46 -4.93 -1.19 15.54
CA TRP A 46 -5.23 -2.16 16.56
C TRP A 46 -6.72 -2.49 16.55
N VAL A 47 -7.06 -3.76 16.81
CA VAL A 47 -8.43 -4.26 16.75
C VAL A 47 -8.93 -4.66 18.13
N ALA A 48 -8.22 -5.54 18.83
CA ALA A 48 -8.67 -6.03 20.12
C ALA A 48 -7.50 -6.67 20.85
N VAL A 49 -7.71 -6.88 22.16
CA VAL A 49 -6.75 -7.57 23.03
C VAL A 49 -7.53 -8.47 23.97
N ILE A 50 -6.96 -9.63 24.27
CA ILE A 50 -7.55 -10.56 25.23
C ILE A 50 -6.48 -10.90 26.27
N TRP A 51 -6.90 -10.94 27.53
CA TRP A 51 -6.02 -11.30 28.63
C TRP A 51 -5.46 -12.71 28.44
N HIS A 52 -4.48 -13.05 29.28
CA HIS A 52 -3.81 -14.34 29.18
C HIS A 52 -4.76 -15.50 29.49
N ASP A 53 -5.90 -15.23 30.12
CA ASP A 53 -6.83 -16.27 30.51
C ASP A 53 -8.22 -16.08 29.91
N GLY A 54 -8.38 -15.09 29.02
CA GLY A 54 -9.68 -14.71 28.55
C GLY A 54 -10.47 -13.86 29.51
N SER A 55 -9.89 -13.51 30.66
CA SER A 55 -10.57 -12.75 31.69
C SER A 55 -11.07 -11.40 31.17
N ASN A 56 -10.15 -10.53 30.77
CA ASN A 56 -10.50 -9.19 30.33
C ASN A 56 -10.25 -9.04 28.82
N LYS A 57 -11.13 -8.28 28.17
CA LYS A 57 -11.02 -8.02 26.73
C LYS A 57 -11.27 -6.55 26.46
N PHE A 58 -10.61 -6.04 25.41
CA PHE A 58 -10.78 -4.67 24.99
C PHE A 58 -10.80 -4.62 23.46
N TYR A 59 -11.61 -3.72 22.92
CA TYR A 59 -11.83 -3.63 21.49
C TYR A 59 -11.64 -2.20 21.01
N ALA A 60 -11.23 -2.07 19.75
CA ALA A 60 -11.21 -0.76 19.12
C ALA A 60 -12.62 -0.20 19.00
N ASP A 61 -12.74 1.12 19.11
CA ASP A 61 -14.06 1.76 19.04
C ASP A 61 -14.76 1.45 17.72
N SER A 62 -14.01 1.23 16.64
CA SER A 62 -14.60 0.95 15.35
C SER A 62 -15.24 -0.43 15.26
N VAL A 63 -14.97 -1.34 16.21
CA VAL A 63 -15.45 -2.71 16.12
C VAL A 63 -16.16 -3.17 17.38
N GLU A 64 -16.38 -2.27 18.34
CA GLU A 64 -17.03 -2.64 19.58
C GLU A 64 -18.50 -2.99 19.33
N GLY A 65 -18.94 -4.13 19.83
CA GLY A 65 -20.27 -4.62 19.59
C GLY A 65 -20.41 -5.52 18.37
N ARG A 66 -19.45 -5.48 17.45
CA ARG A 66 -19.49 -6.30 16.25
C ARG A 66 -18.41 -7.37 16.22
N PHE A 67 -17.28 -7.14 16.85
CA PHE A 67 -16.17 -8.09 16.90
C PHE A 67 -16.04 -8.64 18.32
N THR A 68 -15.66 -9.91 18.42
CA THR A 68 -15.45 -10.54 19.72
C THR A 68 -14.21 -11.43 19.63
N ILE A 69 -13.29 -11.22 20.57
CA ILE A 69 -12.03 -11.95 20.59
C ILE A 69 -12.13 -13.07 21.62
N SER A 70 -11.56 -14.23 21.28
CA SER A 70 -11.63 -15.41 22.14
C SER A 70 -10.33 -16.18 22.04
N ARG A 71 -10.12 -17.08 22.99
CA ARG A 71 -8.92 -17.90 23.01
C ARG A 71 -9.21 -19.21 23.73
N ASP A 72 -8.44 -20.24 23.37
CA ASP A 72 -8.50 -21.54 24.05
C ASP A 72 -7.08 -21.93 24.44
N ASN A 73 -6.79 -21.92 25.75
CA ASN A 73 -5.44 -22.16 26.21
C ASN A 73 -5.02 -23.62 26.07
N SER A 74 -5.98 -24.55 25.99
CA SER A 74 -5.68 -25.97 25.79
C SER A 74 -5.39 -26.29 24.33
N LYS A 75 -5.81 -25.42 23.41
CA LYS A 75 -5.54 -25.55 21.98
C LYS A 75 -4.45 -24.60 21.51
N ASN A 76 -3.96 -23.71 22.37
CA ASN A 76 -2.98 -22.69 22.00
C ASN A 76 -3.45 -21.87 20.80
N MET A 77 -4.74 -21.51 20.83
CA MET A 77 -5.40 -20.82 19.74
C MET A 77 -5.98 -19.49 20.24
N ILE A 78 -6.26 -18.61 19.28
CA ILE A 78 -7.00 -17.38 19.53
C ILE A 78 -7.87 -17.09 18.31
N TYR A 79 -9.11 -16.69 18.56
CA TYR A 79 -10.10 -16.52 17.51
C TYR A 79 -10.65 -15.09 17.50
N LEU A 80 -11.20 -14.69 16.36
CA LEU A 80 -11.86 -13.39 16.24
C LEU A 80 -13.11 -13.58 15.39
N GLN A 81 -14.28 -13.39 16.00
CA GLN A 81 -15.55 -13.51 15.29
C GLN A 81 -16.03 -12.11 14.91
N MET A 82 -16.23 -11.89 13.62
CA MET A 82 -16.68 -10.61 13.09
C MET A 82 -18.15 -10.69 12.69
N ASN A 83 -18.93 -9.69 13.09
CA ASN A 83 -20.36 -9.66 12.83
C ASN A 83 -20.75 -8.33 12.22
N SER A 84 -21.77 -8.36 11.37
CA SER A 84 -22.26 -7.18 10.65
C SER A 84 -21.09 -6.44 9.99
N LEU A 85 -20.41 -7.16 9.12
CA LEU A 85 -19.20 -6.65 8.48
C LEU A 85 -19.53 -5.48 7.57
N ARG A 86 -18.65 -4.48 7.58
CA ARG A 86 -18.73 -3.36 6.67
C ARG A 86 -17.54 -3.39 5.72
N VAL A 87 -17.69 -2.74 4.57
CA VAL A 87 -16.62 -2.74 3.60
C VAL A 87 -15.38 -2.06 4.18
N GLU A 88 -15.57 -1.10 5.08
CA GLU A 88 -14.46 -0.43 5.76
C GLU A 88 -13.67 -1.36 6.68
N ASP A 89 -14.15 -2.59 6.91
CA ASP A 89 -13.40 -3.58 7.67
C ASP A 89 -12.42 -4.36 6.81
N THR A 90 -12.37 -4.11 5.51
CA THR A 90 -11.44 -4.83 4.64
C THR A 90 -10.02 -4.45 5.00
N ALA A 91 -9.21 -5.46 5.34
CA ALA A 91 -7.84 -5.25 5.79
C ALA A 91 -7.13 -6.59 5.82
N ILE A 92 -5.82 -6.52 6.02
CA ILE A 92 -5.04 -7.69 6.42
C ILE A 92 -5.04 -7.75 7.94
N TYR A 93 -5.38 -8.90 8.50
CA TYR A 93 -5.50 -9.06 9.95
C TYR A 93 -4.33 -9.89 10.46
N TYR A 94 -3.53 -9.28 11.33
CA TYR A 94 -2.35 -9.91 11.91
C TYR A 94 -2.64 -10.43 13.32
N CYS A 95 -1.93 -11.49 13.70
CA CYS A 95 -1.94 -12.02 15.04
C CYS A 95 -0.66 -11.57 15.75
N ALA A 96 -0.80 -11.00 16.94
CA ALA A 96 0.35 -10.43 17.63
C ALA A 96 0.32 -10.82 19.10
N ARG A 97 1.50 -11.12 19.64
CA ARG A 97 1.66 -11.44 21.05
C ARG A 97 2.16 -10.22 21.80
N ASP A 98 1.60 -9.97 22.98
CA ASP A 98 2.06 -8.86 23.80
C ASP A 98 3.43 -9.18 24.37
N SER A 99 4.26 -8.14 24.48
CA SER A 99 5.55 -8.17 25.16
C SER A 99 6.59 -9.02 24.45
N LEU A 100 7.86 -8.79 24.79
CA LEU A 100 8.97 -9.65 24.44
C LEU A 100 9.39 -10.52 25.62
N PHE A 101 9.68 -9.89 26.75
CA PHE A 101 9.77 -10.52 28.05
C PHE A 101 8.61 -10.06 28.90
N TYR A 102 8.32 -10.83 29.95
CA TYR A 102 7.29 -10.43 30.89
C TYR A 102 7.75 -9.23 31.71
N ASP A 103 6.83 -8.30 31.96
CA ASP A 103 7.07 -7.14 32.80
C ASP A 103 5.74 -6.44 33.04
N HIS A 104 5.54 -5.94 34.25
CA HIS A 104 4.29 -5.27 34.59
C HIS A 104 4.42 -3.75 34.54
N ASP A 105 5.57 -3.23 34.15
CA ASP A 105 5.69 -1.82 33.77
C ASP A 105 6.11 -1.67 32.31
N ASN A 106 6.25 -2.77 31.58
CA ASN A 106 6.60 -2.76 30.17
C ASN A 106 5.70 -3.77 29.46
N SER A 107 4.60 -3.29 28.90
CA SER A 107 3.67 -4.14 28.18
C SER A 107 2.81 -3.26 27.29
N GLY A 108 2.29 -3.85 26.22
CA GLY A 108 1.48 -3.14 25.27
C GLY A 108 2.11 -2.99 23.90
N TYR A 109 3.34 -3.46 23.73
CA TYR A 109 3.98 -3.55 22.43
C TYR A 109 3.93 -4.99 21.94
N TYR A 110 4.15 -5.16 20.65
CA TYR A 110 4.02 -6.46 19.99
C TYR A 110 5.41 -7.03 19.70
N GLY A 111 5.80 -8.06 20.46
CA GLY A 111 7.10 -8.68 20.30
C GLY A 111 7.20 -9.61 19.11
N TYR A 112 6.10 -10.29 18.78
CA TYR A 112 6.07 -11.25 17.68
C TYR A 112 4.77 -11.12 16.93
N TRP A 113 4.87 -11.14 15.59
CA TRP A 113 3.73 -11.02 14.70
C TRP A 113 3.52 -12.31 13.93
N GLY A 114 2.29 -12.48 13.42
CA GLY A 114 2.01 -13.52 12.46
C GLY A 114 2.08 -12.97 11.04
N GLN A 115 2.04 -13.89 10.08
CA GLN A 115 2.10 -13.50 8.68
C GLN A 115 0.88 -12.68 8.25
N GLY A 116 -0.26 -12.97 8.86
CA GLY A 116 -1.49 -12.23 8.61
C GLY A 116 -2.38 -12.92 7.60
N THR A 117 -3.68 -12.67 7.71
CA THR A 117 -4.68 -13.17 6.77
C THR A 117 -5.52 -12.01 6.28
N LEU A 118 -5.98 -12.09 5.04
CA LEU A 118 -6.65 -10.99 4.35
C LEU A 118 -8.16 -11.20 4.33
N VAL A 119 -8.90 -10.22 4.81
CA VAL A 119 -10.36 -10.20 4.77
C VAL A 119 -10.78 -9.12 3.78
N THR A 120 -11.53 -9.53 2.76
CA THR A 120 -12.03 -8.61 1.73
C THR A 120 -13.55 -8.57 1.85
N VAL A 121 -14.08 -7.45 2.32
CA VAL A 121 -15.52 -7.26 2.45
C VAL A 121 -15.99 -6.52 1.20
N SER A 122 -16.68 -7.23 0.32
CA SER A 122 -17.14 -6.63 -0.93
C SER A 122 -18.45 -7.25 -1.36
N SER A 123 -19.27 -6.43 -2.02
CA SER A 123 -20.48 -6.92 -2.65
C SER A 123 -20.26 -7.32 -4.11
N ALA A 124 -19.10 -6.99 -4.68
CA ALA A 124 -18.84 -7.30 -6.07
C ALA A 124 -18.83 -8.81 -6.31
N SER A 125 -19.28 -9.20 -7.49
CA SER A 125 -19.21 -10.59 -7.91
C SER A 125 -18.06 -10.78 -8.90
N THR A 126 -17.60 -12.03 -9.01
CA THR A 126 -16.44 -12.33 -9.84
C THR A 126 -16.69 -11.88 -11.27
N LYS A 127 -15.73 -11.13 -11.81
CA LYS A 127 -15.92 -10.51 -13.11
C LYS A 127 -14.57 -10.40 -13.81
N GLY A 128 -14.56 -10.72 -15.11
CA GLY A 128 -13.37 -10.59 -15.90
C GLY A 128 -13.10 -9.16 -16.30
N PRO A 129 -11.83 -8.85 -16.58
CA PRO A 129 -11.47 -7.48 -16.96
C PRO A 129 -11.72 -7.18 -18.43
N SER A 130 -11.84 -5.89 -18.71
CA SER A 130 -11.78 -5.38 -20.07
C SER A 130 -10.41 -4.76 -20.29
N VAL A 131 -9.81 -5.03 -21.44
CA VAL A 131 -8.45 -4.60 -21.74
C VAL A 131 -8.51 -3.59 -22.88
N PHE A 132 -8.12 -2.35 -22.59
CA PHE A 132 -8.10 -1.31 -23.60
C PHE A 132 -6.65 -0.91 -23.89
N PRO A 133 -6.36 -0.49 -25.12
CA PRO A 133 -5.00 -0.08 -25.44
C PRO A 133 -4.66 1.25 -24.80
N LEU A 134 -3.40 1.37 -24.36
CA LEU A 134 -2.78 2.67 -24.11
C LEU A 134 -1.86 2.92 -25.29
N ALA A 135 -2.45 3.45 -26.36
CA ALA A 135 -1.77 3.48 -27.64
C ALA A 135 -0.68 4.56 -27.67
N PRO A 136 0.47 4.26 -28.25
CA PRO A 136 1.51 5.29 -28.39
C PRO A 136 1.15 6.30 -29.47
N SER A 137 1.68 7.52 -29.31
CA SER A 137 1.38 8.62 -30.22
C SER A 137 2.47 9.68 -30.07
N SER A 138 2.26 10.83 -30.70
CA SER A 138 3.18 11.95 -30.56
C SER A 138 3.28 12.40 -29.11
N LYS A 139 2.19 12.31 -28.35
CA LYS A 139 2.15 12.72 -26.96
C LYS A 139 2.52 11.59 -26.01
N SER A 140 2.88 10.43 -26.53
CA SER A 140 3.47 9.34 -25.74
C SER A 140 4.94 9.13 -26.09
N THR A 141 5.53 10.01 -26.89
CA THR A 141 6.90 9.88 -27.37
C THR A 141 7.75 11.02 -26.84
N SER A 142 8.88 10.67 -26.24
CA SER A 142 9.83 11.65 -25.68
C SER A 142 11.22 11.28 -26.20
N GLY A 143 11.70 12.02 -27.20
CA GLY A 143 13.00 11.69 -27.78
C GLY A 143 12.90 10.41 -28.58
N GLY A 144 13.90 9.55 -28.41
CA GLY A 144 13.88 8.27 -29.08
C GLY A 144 13.09 7.19 -28.38
N THR A 145 12.27 7.55 -27.39
CA THR A 145 11.58 6.58 -26.57
C THR A 145 10.08 6.82 -26.64
N ALA A 146 9.32 5.75 -26.79
CA ALA A 146 7.87 5.79 -26.84
C ALA A 146 7.30 4.94 -25.71
N ALA A 147 6.15 5.35 -25.20
CA ALA A 147 5.44 4.62 -24.15
C ALA A 147 4.16 4.06 -24.71
N LEU A 148 3.89 2.79 -24.43
CA LEU A 148 2.63 2.15 -24.77
C LEU A 148 2.23 1.25 -23.60
N GLY A 149 0.97 0.85 -23.57
CA GLY A 149 0.56 0.00 -22.47
C GLY A 149 -0.84 -0.56 -22.65
N CYS A 150 -1.33 -1.17 -21.57
CA CYS A 150 -2.67 -1.73 -21.53
C CYS A 150 -3.38 -1.30 -20.25
N LEU A 151 -4.69 -1.14 -20.37
CA LEU A 151 -5.55 -0.73 -19.26
C LEU A 151 -6.48 -1.90 -18.94
N VAL A 152 -6.25 -2.52 -17.79
CA VAL A 152 -7.00 -3.69 -17.34
C VAL A 152 -8.02 -3.19 -16.33
N LYS A 153 -9.27 -3.04 -16.78
CA LYS A 153 -10.27 -2.27 -16.05
C LYS A 153 -11.46 -3.13 -15.65
N ASP A 154 -11.97 -2.89 -14.44
CA ASP A 154 -13.23 -3.43 -13.94
C ASP A 154 -13.18 -4.96 -13.84
N TYR A 155 -12.46 -5.44 -12.84
CA TYR A 155 -12.42 -6.87 -12.56
C TYR A 155 -12.52 -7.09 -11.06
N PHE A 156 -12.66 -8.36 -10.69
CA PHE A 156 -12.81 -8.78 -9.31
C PHE A 156 -12.81 -10.31 -9.27
N PRO A 157 -12.12 -10.92 -8.30
CA PRO A 157 -11.23 -10.22 -7.37
C PRO A 157 -9.81 -10.11 -7.90
N GLU A 158 -8.88 -9.72 -7.03
CA GLU A 158 -7.47 -9.76 -7.38
C GLU A 158 -6.99 -11.21 -7.43
N PRO A 159 -5.86 -11.48 -8.09
CA PRO A 159 -5.08 -10.58 -8.92
C PRO A 159 -5.28 -10.85 -10.41
N VAL A 160 -4.67 -10.00 -11.23
CA VAL A 160 -4.50 -10.26 -12.65
C VAL A 160 -3.01 -10.31 -12.93
N THR A 161 -2.62 -11.19 -13.84
CA THR A 161 -1.24 -11.24 -14.31
C THR A 161 -1.18 -10.61 -15.69
N VAL A 162 -0.15 -9.81 -15.93
CA VAL A 162 0.06 -9.13 -17.21
C VAL A 162 1.48 -9.39 -17.67
N SER A 163 1.63 -9.90 -18.88
CA SER A 163 2.93 -10.04 -19.53
C SER A 163 2.89 -9.31 -20.87
N TRP A 164 4.05 -9.21 -21.51
CA TRP A 164 4.18 -8.54 -22.79
C TRP A 164 4.90 -9.47 -23.75
N ASN A 165 4.30 -9.68 -24.93
CA ASN A 165 4.86 -10.57 -25.94
C ASN A 165 5.16 -11.95 -25.35
N SER A 166 4.25 -12.41 -24.48
CA SER A 166 4.32 -13.76 -23.89
C SER A 166 5.63 -13.97 -23.16
N GLY A 167 6.06 -12.97 -22.40
CA GLY A 167 7.27 -13.03 -21.62
C GLY A 167 8.53 -12.60 -22.35
N ALA A 168 8.48 -12.39 -23.67
CA ALA A 168 9.68 -12.02 -24.40
C ALA A 168 10.13 -10.61 -24.03
N LEU A 169 9.19 -9.72 -23.73
CA LEU A 169 9.49 -8.32 -23.43
C LEU A 169 9.45 -8.12 -21.92
N THR A 170 10.63 -7.92 -21.31
CA THR A 170 10.71 -7.68 -19.88
C THR A 170 11.27 -6.31 -19.54
N SER A 171 12.38 -5.92 -20.16
CA SER A 171 13.02 -4.66 -19.78
C SER A 171 12.17 -3.48 -20.26
N GLY A 172 11.95 -2.52 -19.36
CA GLY A 172 11.12 -1.38 -19.64
C GLY A 172 9.68 -1.49 -19.19
N VAL A 173 9.27 -2.63 -18.63
CA VAL A 173 7.87 -2.85 -18.28
C VAL A 173 7.62 -2.35 -16.87
N HIS A 174 6.45 -1.76 -16.65
CA HIS A 174 5.98 -1.39 -15.31
C HIS A 174 4.52 -1.80 -15.20
N THR A 175 4.25 -2.77 -14.33
CA THR A 175 2.88 -3.19 -14.05
C THR A 175 2.46 -2.59 -12.71
N PHE A 176 1.56 -1.62 -12.76
CA PHE A 176 1.24 -0.84 -11.58
C PHE A 176 0.35 -1.63 -10.63
N PRO A 177 0.53 -1.44 -9.32
CA PRO A 177 -0.38 -2.05 -8.36
C PRO A 177 -1.83 -1.70 -8.67
N ALA A 178 -2.70 -2.69 -8.51
CA ALA A 178 -4.11 -2.48 -8.77
C ALA A 178 -4.69 -1.43 -7.82
N VAL A 179 -5.81 -0.84 -8.24
CA VAL A 179 -6.51 0.18 -7.47
C VAL A 179 -7.97 -0.21 -7.39
N LEU A 180 -8.56 -0.02 -6.21
CA LEU A 180 -9.99 -0.26 -6.00
C LEU A 180 -10.77 1.00 -6.36
N GLN A 181 -11.66 0.90 -7.33
CA GLN A 181 -12.45 2.02 -7.80
C GLN A 181 -13.72 2.17 -6.96
N SER A 182 -14.44 3.28 -7.19
CA SER A 182 -15.72 3.50 -6.52
C SER A 182 -16.73 2.41 -6.84
N SER A 183 -16.54 1.69 -7.94
CA SER A 183 -17.43 0.60 -8.32
C SER A 183 -17.26 -0.61 -7.41
N GLY A 184 -16.15 -0.73 -6.70
CA GLY A 184 -15.80 -1.97 -6.04
C GLY A 184 -15.05 -2.94 -6.93
N LEU A 185 -14.73 -2.54 -8.16
CA LEU A 185 -13.93 -3.33 -9.07
C LEU A 185 -12.51 -2.78 -9.13
N TYR A 186 -11.56 -3.67 -9.33
CA TYR A 186 -10.16 -3.29 -9.38
C TYR A 186 -9.78 -2.82 -10.78
N SER A 187 -8.64 -2.15 -10.87
CA SER A 187 -8.18 -1.57 -12.13
C SER A 187 -6.68 -1.32 -12.05
N LEU A 188 -5.96 -1.68 -13.11
CA LEU A 188 -4.54 -1.39 -13.18
C LEU A 188 -4.14 -1.09 -14.60
N SER A 189 -2.90 -0.62 -14.74
CA SER A 189 -2.28 -0.39 -16.03
C SER A 189 -0.89 -1.02 -16.03
N SER A 190 -0.54 -1.59 -17.17
CA SER A 190 0.81 -2.06 -17.46
C SER A 190 1.34 -1.24 -18.61
N VAL A 191 2.57 -0.72 -18.48
CA VAL A 191 3.15 0.13 -19.50
C VAL A 191 4.59 -0.32 -19.75
N VAL A 192 5.06 0.00 -20.94
CA VAL A 192 6.44 -0.30 -21.31
C VAL A 192 6.96 0.85 -22.17
N THR A 193 8.24 1.20 -21.97
CA THR A 193 8.93 2.11 -22.86
C THR A 193 9.74 1.31 -23.86
N VAL A 194 9.60 1.64 -25.14
CA VAL A 194 10.31 0.95 -26.22
C VAL A 194 10.96 2.03 -27.09
N PRO A 195 11.95 1.64 -27.90
CA PRO A 195 12.51 2.60 -28.85
C PRO A 195 11.48 3.02 -29.88
N SER A 196 11.38 4.33 -30.12
CA SER A 196 10.45 4.84 -31.12
C SER A 196 10.76 4.34 -32.52
N SER A 197 11.95 3.76 -32.73
CA SER A 197 12.31 3.23 -34.04
C SER A 197 11.43 2.05 -34.42
N SER A 198 10.96 1.28 -33.44
CA SER A 198 10.37 -0.02 -33.68
C SER A 198 8.85 -0.02 -33.73
N LEU A 199 8.20 1.14 -33.60
CA LEU A 199 6.75 1.14 -33.61
C LEU A 199 6.16 0.69 -34.95
N GLY A 200 6.95 0.71 -36.02
CA GLY A 200 6.45 0.26 -37.30
C GLY A 200 6.78 -1.18 -37.62
N THR A 201 7.82 -1.72 -36.99
CA THR A 201 8.32 -3.05 -37.34
C THR A 201 8.49 -3.93 -36.11
N GLN A 202 7.67 -3.74 -35.08
CA GLN A 202 7.69 -4.60 -33.91
C GLN A 202 6.30 -4.64 -33.30
N THR A 203 5.76 -5.85 -33.15
CA THR A 203 4.43 -6.07 -32.60
C THR A 203 4.50 -6.15 -31.09
N TYR A 204 3.67 -5.36 -30.41
CA TYR A 204 3.59 -5.36 -28.96
C TYR A 204 2.20 -5.82 -28.53
N ILE A 205 2.17 -6.90 -27.76
CA ILE A 205 0.92 -7.49 -27.27
C ILE A 205 1.04 -7.69 -25.77
N CYS A 206 0.09 -7.16 -25.02
CA CYS A 206 0.02 -7.47 -23.60
C CYS A 206 -0.87 -8.68 -23.40
N ASN A 207 -0.44 -9.57 -22.52
CA ASN A 207 -1.17 -10.79 -22.22
C ASN A 207 -1.76 -10.66 -20.83
N VAL A 208 -3.08 -10.50 -20.76
CA VAL A 208 -3.78 -10.34 -19.50
C VAL A 208 -4.44 -11.66 -19.15
N ASN A 209 -4.19 -12.16 -17.95
CA ASN A 209 -4.80 -13.39 -17.47
C ASN A 209 -5.44 -13.13 -16.11
N HIS A 210 -6.75 -13.40 -16.00
CA HIS A 210 -7.51 -13.22 -14.76
C HIS A 210 -8.09 -14.57 -14.39
N LYS A 211 -7.28 -15.38 -13.73
CA LYS A 211 -7.69 -16.75 -13.40
C LYS A 211 -9.00 -16.85 -12.61
N PRO A 212 -9.33 -15.94 -11.67
CA PRO A 212 -10.59 -16.07 -10.93
C PRO A 212 -11.83 -16.19 -11.81
N SER A 213 -11.76 -15.70 -13.05
CA SER A 213 -12.89 -15.79 -13.97
C SER A 213 -12.57 -16.56 -15.24
N ASN A 214 -11.46 -17.29 -15.27
CA ASN A 214 -10.99 -17.99 -16.47
C ASN A 214 -11.01 -17.07 -17.68
N THR A 215 -10.41 -15.89 -17.51
CA THR A 215 -10.35 -14.88 -18.55
C THR A 215 -8.91 -14.70 -19.00
N LYS A 216 -8.66 -14.90 -20.29
CA LYS A 216 -7.36 -14.67 -20.91
C LYS A 216 -7.57 -13.77 -22.11
N VAL A 217 -6.88 -12.64 -22.15
CA VAL A 217 -6.99 -11.67 -23.22
C VAL A 217 -5.59 -11.34 -23.74
N ASP A 218 -5.42 -11.40 -25.06
CA ASP A 218 -4.27 -10.83 -25.75
C ASP A 218 -4.72 -9.57 -26.47
N LYS A 219 -3.99 -8.47 -26.27
CA LYS A 219 -4.32 -7.22 -26.93
C LYS A 219 -3.10 -6.65 -27.63
N LYS A 220 -3.18 -6.52 -28.95
CA LYS A 220 -2.17 -5.86 -29.73
C LYS A 220 -2.33 -4.35 -29.59
N VAL A 221 -1.23 -3.65 -29.32
CA VAL A 221 -1.24 -2.21 -29.14
C VAL A 221 -0.38 -1.62 -30.25
N GLU A 222 -1.01 -0.88 -31.16
CA GLU A 222 -0.29 -0.21 -32.22
C GLU A 222 -0.52 1.29 -32.14
N PRO A 223 0.39 2.09 -32.70
CA PRO A 223 0.29 3.54 -32.53
C PRO A 223 -0.89 4.13 -33.28
N LYS A 224 -1.19 5.38 -32.95
CA LYS A 224 -2.30 6.10 -33.55
C LYS A 224 -1.83 7.39 -34.21
N GLN B 1 -8.85 8.87 19.89
CA GLN B 1 -7.67 8.31 20.55
C GLN B 1 -6.40 9.14 20.31
N ILE B 2 -5.28 8.68 20.88
CA ILE B 2 -4.02 9.37 20.72
C ILE B 2 -3.56 9.25 19.27
N VAL B 3 -3.01 10.34 18.73
CA VAL B 3 -2.60 10.40 17.33
C VAL B 3 -1.08 10.46 17.27
N MET B 4 -0.49 9.51 16.54
CA MET B 4 0.94 9.51 16.27
C MET B 4 1.17 10.06 14.86
N THR B 5 2.01 11.08 14.77
CA THR B 5 2.39 11.67 13.48
C THR B 5 3.86 11.41 13.22
N GLN B 6 4.17 11.04 11.98
CA GLN B 6 5.54 10.78 11.57
C GLN B 6 5.91 11.74 10.43
N SER B 7 7.16 12.18 10.44
CA SER B 7 7.64 13.09 9.41
C SER B 7 9.14 12.88 9.28
N PRO B 8 9.68 12.95 8.06
CA PRO B 8 8.88 13.13 6.84
C PRO B 8 8.30 11.82 6.31
N ALA B 9 7.57 11.89 5.19
CA ALA B 9 6.94 10.69 4.64
C ALA B 9 7.96 9.74 4.00
N THR B 10 9.02 10.30 3.41
CA THR B 10 10.08 9.52 2.78
C THR B 10 11.41 10.18 3.12
N VAL B 11 12.41 9.36 3.44
CA VAL B 11 13.78 9.83 3.61
C VAL B 11 14.67 9.10 2.62
N SER B 12 15.54 9.86 1.96
CA SER B 12 16.50 9.31 1.01
C SER B 12 17.85 9.13 1.70
N VAL B 13 18.34 7.91 1.75
CA VAL B 13 19.59 7.59 2.44
C VAL B 13 20.48 6.75 1.54
N SER B 14 21.78 7.02 1.59
CA SER B 14 22.79 6.15 0.99
C SER B 14 23.41 5.26 2.06
N PRO B 15 23.74 4.02 1.69
CA PRO B 15 24.30 3.09 2.68
C PRO B 15 25.54 3.66 3.36
N GLY B 16 25.54 3.64 4.69
CA GLY B 16 26.58 4.24 5.49
C GLY B 16 26.20 5.57 6.10
N GLU B 17 25.13 6.19 5.64
CA GLU B 17 24.65 7.47 6.14
C GLU B 17 23.80 7.30 7.40
N ARG B 18 23.58 8.41 8.10
CA ARG B 18 22.71 8.44 9.25
C ARG B 18 21.29 8.78 8.83
N ALA B 19 20.33 8.07 9.41
CA ALA B 19 18.92 8.24 9.09
C ALA B 19 18.18 8.59 10.38
N THR B 20 17.46 9.71 10.36
CA THR B 20 16.66 10.14 11.50
C THR B 20 15.19 10.16 11.08
N LEU B 21 14.34 9.56 11.91
CA LEU B 21 12.91 9.56 11.68
C LEU B 21 12.23 10.06 12.93
N SER B 22 11.31 11.00 12.76
CA SER B 22 10.63 11.66 13.87
C SER B 22 9.25 11.09 14.05
N CYS B 23 8.86 10.92 15.32
CA CYS B 23 7.52 10.52 15.69
C CYS B 23 7.02 11.44 16.79
N ARG B 24 5.84 12.03 16.57
CA ARG B 24 5.21 12.94 17.52
C ARG B 24 3.88 12.36 17.98
N ALA B 25 3.48 12.71 19.20
CA ALA B 25 2.29 12.18 19.85
C ALA B 25 1.32 13.32 20.16
N SER B 26 0.02 13.06 19.98
CA SER B 26 -0.99 14.07 20.28
C SER B 26 -0.90 14.54 21.73
N ARG B 27 -0.90 13.59 22.66
CA ARG B 27 -0.63 13.83 24.07
C ARG B 27 0.60 13.02 24.47
N SER B 28 1.15 13.33 25.63
CA SER B 28 2.35 12.63 26.09
C SER B 28 2.04 11.15 26.28
N VAL B 29 2.99 10.30 25.88
CA VAL B 29 2.88 8.87 26.11
C VAL B 29 4.02 8.35 26.99
N THR B 30 4.60 9.22 27.81
CA THR B 30 5.72 8.92 28.73
C THR B 30 6.82 8.23 27.92
N SER B 31 7.28 7.05 28.32
CA SER B 31 8.24 6.28 27.54
C SER B 31 7.63 4.97 27.10
N LYS B 32 6.38 5.02 26.61
CA LYS B 32 5.63 3.83 26.21
C LYS B 32 5.41 3.92 24.69
N LEU B 33 6.45 3.63 23.94
CA LEU B 33 6.44 3.77 22.49
C LEU B 33 7.31 2.69 21.86
N ALA B 34 6.87 2.17 20.73
CA ALA B 34 7.61 1.14 20.01
C ALA B 34 7.90 1.61 18.59
N TRP B 35 8.90 0.95 17.97
CA TRP B 35 9.24 1.16 16.58
C TRP B 35 9.21 -0.20 15.87
N TYR B 36 8.66 -0.21 14.65
CA TYR B 36 8.55 -1.42 13.86
C TYR B 36 9.10 -1.20 12.46
N GLN B 37 9.71 -2.23 11.90
CA GLN B 37 10.19 -2.24 10.53
C GLN B 37 9.32 -3.19 9.72
N GLN B 38 8.91 -2.76 8.52
CA GLN B 38 8.09 -3.61 7.64
C GLN B 38 8.55 -3.47 6.21
N LYS B 39 8.95 -4.62 5.59
CA LYS B 39 9.27 -4.69 4.16
C LYS B 39 8.07 -5.17 3.38
N PRO B 40 7.95 -4.80 2.10
CA PRO B 40 6.73 -5.13 1.34
C PRO B 40 6.46 -6.64 1.32
N GLY B 41 5.20 -6.99 1.57
CA GLY B 41 4.77 -8.37 1.59
C GLY B 41 4.96 -9.08 2.90
N GLN B 42 5.82 -8.58 3.78
CA GLN B 42 6.12 -9.20 5.07
C GLN B 42 5.35 -8.51 6.19
N ALA B 43 5.31 -9.19 7.32
CA ALA B 43 4.70 -8.63 8.52
C ALA B 43 5.67 -7.71 9.25
N PRO B 44 5.17 -6.82 10.09
CA PRO B 44 6.06 -5.94 10.86
C PRO B 44 6.99 -6.73 11.77
N ARG B 45 8.08 -6.07 12.17
CA ARG B 45 9.09 -6.66 13.03
C ARG B 45 9.46 -5.66 14.11
N LEU B 46 9.49 -6.10 15.36
CA LEU B 46 9.77 -5.19 16.46
C LEU B 46 11.22 -4.76 16.45
N LEU B 47 11.44 -3.46 16.63
CA LEU B 47 12.78 -2.87 16.65
C LEU B 47 13.15 -2.35 18.03
N ILE B 48 12.32 -1.50 18.60
CA ILE B 48 12.62 -0.79 19.84
C ILE B 48 11.33 -0.61 20.62
N TYR B 49 11.37 -0.90 21.92
CA TYR B 49 10.23 -0.68 22.82
C TYR B 49 10.66 0.23 23.96
N GLY B 50 9.71 0.54 24.84
CA GLY B 50 9.93 1.57 25.82
C GLY B 50 10.11 2.91 25.13
N ALA B 51 11.37 3.29 24.90
CA ALA B 51 11.68 4.47 24.11
C ALA B 51 13.10 4.35 23.61
N SER B 52 13.92 3.58 24.34
CA SER B 52 15.33 3.43 24.06
C SER B 52 15.78 1.97 23.95
N THR B 53 14.98 1.01 24.40
CA THR B 53 15.45 -0.37 24.50
C THR B 53 15.34 -1.09 23.17
N ARG B 54 16.42 -1.72 22.76
CA ARG B 54 16.42 -2.54 21.55
C ARG B 54 15.81 -3.90 21.82
N ALA B 55 15.20 -4.48 20.79
CA ALA B 55 14.72 -5.84 20.87
C ALA B 55 15.88 -6.82 20.68
N THR B 56 15.61 -8.09 20.95
CA THR B 56 16.62 -9.12 20.81
C THR B 56 16.85 -9.42 19.33
N GLY B 57 18.09 -9.25 18.88
CA GLY B 57 18.46 -9.52 17.51
C GLY B 57 18.50 -8.31 16.60
N ILE B 58 18.40 -7.11 17.15
CA ILE B 58 18.40 -5.88 16.35
C ILE B 58 19.78 -5.26 16.43
N PRO B 59 20.39 -4.90 15.30
CA PRO B 59 21.76 -4.34 15.34
C PRO B 59 21.82 -3.04 16.12
N ALA B 60 23.04 -2.73 16.59
CA ALA B 60 23.25 -1.56 17.43
C ALA B 60 23.07 -0.25 16.67
N ARG B 61 23.06 -0.27 15.34
CA ARG B 61 22.86 0.96 14.60
C ARG B 61 21.44 1.49 14.73
N PHE B 62 20.51 0.69 15.27
CA PHE B 62 19.16 1.17 15.55
C PHE B 62 19.11 1.73 16.97
N SER B 63 18.78 3.01 17.10
CA SER B 63 18.73 3.67 18.39
C SER B 63 17.48 4.53 18.48
N GLY B 64 16.75 4.40 19.57
CA GLY B 64 15.54 5.18 19.82
C GLY B 64 15.75 6.12 21.00
N SER B 65 15.28 7.35 20.86
CA SER B 65 15.33 8.31 21.95
C SER B 65 14.04 9.13 21.97
N GLY B 66 13.74 9.70 23.12
CA GLY B 66 12.57 10.54 23.23
C GLY B 66 11.78 10.35 24.52
N SER B 67 10.89 11.29 24.80
CA SER B 67 10.04 11.24 25.98
C SER B 67 8.79 12.04 25.71
N GLY B 68 7.69 11.63 26.34
CA GLY B 68 6.46 12.40 26.28
C GLY B 68 5.84 12.50 24.90
N THR B 69 6.16 13.56 24.16
CA THR B 69 5.49 13.84 22.89
C THR B 69 6.40 13.78 21.67
N GLU B 70 7.72 13.83 21.83
CA GLU B 70 8.62 13.87 20.69
C GLU B 70 9.64 12.74 20.83
N PHE B 71 9.69 11.89 19.81
CA PHE B 71 10.58 10.73 19.79
C PHE B 71 11.34 10.70 18.47
N THR B 72 12.46 10.00 18.46
CA THR B 72 13.29 9.94 17.28
C THR B 72 13.91 8.55 17.15
N LEU B 73 13.78 7.95 15.97
CA LEU B 73 14.48 6.72 15.63
C LEU B 73 15.70 7.06 14.80
N THR B 74 16.85 6.49 15.15
CA THR B 74 18.10 6.77 14.46
C THR B 74 18.74 5.50 13.95
N ILE B 75 19.25 5.54 12.73
CA ILE B 75 20.09 4.48 12.17
C ILE B 75 21.44 5.13 11.88
N SER B 76 22.43 4.83 12.73
CA SER B 76 23.69 5.59 12.74
C SER B 76 24.38 5.52 11.39
N SER B 77 24.50 4.33 10.82
CA SER B 77 25.06 4.13 9.48
C SER B 77 24.17 3.11 8.78
N LEU B 78 23.33 3.59 7.88
CA LEU B 78 22.36 2.72 7.21
C LEU B 78 23.08 1.61 6.46
N GLN B 79 22.43 0.46 6.36
CA GLN B 79 23.01 -0.69 5.69
C GLN B 79 22.05 -1.22 4.63
N SER B 80 22.55 -2.22 3.89
CA SER B 80 21.84 -2.95 2.86
C SER B 80 20.40 -3.28 3.24
N GLU B 81 20.19 -3.76 4.46
CA GLU B 81 18.96 -4.41 4.87
C GLU B 81 17.88 -3.48 5.42
N ASP B 82 18.15 -2.18 5.55
CA ASP B 82 17.27 -1.28 6.31
C ASP B 82 16.33 -0.46 5.44
N PHE B 83 16.29 -0.69 4.12
CA PHE B 83 15.37 0.03 3.26
C PHE B 83 13.98 -0.57 3.43
N ALA B 84 13.09 0.15 4.10
CA ALA B 84 11.77 -0.36 4.44
C ALA B 84 10.93 0.80 4.98
N VAL B 85 9.77 0.47 5.51
CA VAL B 85 8.91 1.45 6.17
C VAL B 85 9.04 1.24 7.67
N TYR B 86 8.96 2.35 8.42
CA TYR B 86 9.15 2.32 9.86
C TYR B 86 7.96 3.01 10.51
N PHE B 87 7.22 2.27 11.35
CA PHE B 87 6.07 2.76 12.08
C PHE B 87 6.45 2.97 13.54
N CYS B 88 5.87 3.97 14.19
CA CYS B 88 5.90 4.03 15.64
C CYS B 88 4.52 3.76 16.19
N GLN B 89 4.46 3.34 17.45
CA GLN B 89 3.24 2.90 18.08
C GLN B 89 3.32 3.22 19.56
N GLN B 90 2.32 3.93 20.08
CA GLN B 90 2.22 4.22 21.49
C GLN B 90 1.32 3.19 22.16
N TYR B 91 1.64 2.88 23.41
CA TYR B 91 0.84 1.97 24.23
C TYR B 91 0.71 2.53 25.66
N ASN B 92 0.52 3.84 25.77
CA ASN B 92 0.25 4.49 27.05
C ASN B 92 -1.24 4.61 27.33
N ASN B 93 -2.01 5.12 26.37
CA ASN B 93 -3.47 5.20 26.47
C ASN B 93 -4.05 4.63 25.18
N GLY B 94 -4.41 3.36 25.20
CA GLY B 94 -4.82 2.68 23.99
C GLY B 94 -3.64 2.17 23.19
N PHE B 95 -3.88 1.92 21.90
CA PHE B 95 -2.87 1.40 21.00
C PHE B 95 -3.06 2.05 19.64
N THR B 96 -2.19 3.00 19.29
CA THR B 96 -2.28 3.69 18.01
C THR B 96 -0.92 3.75 17.34
N PHE B 97 -0.93 3.66 16.01
CA PHE B 97 0.29 3.65 15.21
C PHE B 97 0.44 4.97 14.46
N GLY B 98 1.67 5.29 14.14
CA GLY B 98 1.95 6.35 13.21
C GLY B 98 1.74 5.92 11.77
N PRO B 99 1.67 6.90 10.88
CA PRO B 99 1.41 6.59 9.47
C PRO B 99 2.55 5.83 8.80
N GLY B 100 3.76 5.94 9.31
CA GLY B 100 4.88 5.25 8.70
C GLY B 100 5.77 6.21 7.94
N THR B 101 7.05 5.86 7.83
CA THR B 101 8.02 6.64 7.08
C THR B 101 8.81 5.69 6.20
N LYS B 102 8.80 5.94 4.89
CA LYS B 102 9.56 5.10 3.97
C LYS B 102 11.00 5.57 3.95
N VAL B 103 11.92 4.61 3.98
CA VAL B 103 13.35 4.86 3.81
C VAL B 103 13.77 4.15 2.53
N ASP B 104 14.20 4.92 1.54
CA ASP B 104 14.56 4.38 0.24
C ASP B 104 16.01 4.75 -0.12
N PHE B 105 16.47 4.17 -1.23
CA PHE B 105 17.85 4.32 -1.68
C PHE B 105 18.03 5.68 -2.38
N LYS B 106 19.02 6.45 -1.92
CA LYS B 106 19.25 7.77 -2.50
C LYS B 106 19.97 7.66 -3.83
N ARG B 107 19.53 8.45 -4.81
CA ARG B 107 20.21 8.55 -6.09
C ARG B 107 20.10 9.98 -6.59
N THR B 108 20.63 10.20 -7.79
CA THR B 108 20.52 11.49 -8.46
C THR B 108 19.05 11.83 -8.69
N VAL B 109 18.73 13.12 -8.55
CA VAL B 109 17.40 13.59 -8.91
C VAL B 109 17.17 13.30 -10.39
N ALA B 110 16.04 12.67 -10.69
CA ALA B 110 15.68 12.34 -12.07
C ALA B 110 14.27 12.87 -12.32
N ALA B 111 14.15 13.82 -13.23
CA ALA B 111 12.83 14.29 -13.62
C ALA B 111 12.07 13.16 -14.31
N PRO B 112 10.75 13.10 -14.14
CA PRO B 112 9.99 12.05 -14.85
C PRO B 112 9.83 12.39 -16.33
N SER B 113 9.69 11.33 -17.12
CA SER B 113 9.15 11.45 -18.47
C SER B 113 7.63 11.41 -18.37
N VAL B 114 6.96 12.44 -18.88
CA VAL B 114 5.51 12.58 -18.73
C VAL B 114 4.83 12.17 -20.02
N PHE B 115 3.93 11.19 -19.95
CA PHE B 115 3.22 10.67 -21.11
C PHE B 115 1.72 10.73 -20.87
N ILE B 116 0.96 11.07 -21.91
CA ILE B 116 -0.49 11.20 -21.82
C ILE B 116 -1.12 10.22 -22.80
N PHE B 117 -2.17 9.55 -22.35
CA PHE B 117 -2.86 8.53 -23.15
C PHE B 117 -4.36 8.84 -23.20
N PRO B 118 -4.89 9.24 -24.35
CA PRO B 118 -6.33 9.50 -24.45
C PRO B 118 -7.13 8.23 -24.26
N PRO B 119 -8.45 8.32 -24.09
CA PRO B 119 -9.26 7.11 -23.98
C PRO B 119 -9.36 6.40 -25.31
N SER B 120 -9.40 5.07 -25.26
CA SER B 120 -9.59 4.30 -26.48
C SER B 120 -11.02 4.45 -26.98
N ASP B 121 -11.19 4.27 -28.29
CA ASP B 121 -12.53 4.29 -28.87
C ASP B 121 -13.32 3.05 -28.47
N GLU B 122 -12.63 1.93 -28.24
CA GLU B 122 -13.31 0.75 -27.74
C GLU B 122 -13.94 1.00 -26.38
N GLN B 123 -13.29 1.82 -25.54
CA GLN B 123 -13.85 2.10 -24.22
C GLN B 123 -14.98 3.13 -24.31
N LEU B 124 -14.81 4.15 -25.15
CA LEU B 124 -15.82 5.19 -25.29
C LEU B 124 -17.17 4.62 -25.70
N LYS B 125 -17.19 3.54 -26.49
CA LYS B 125 -18.46 2.98 -26.91
C LYS B 125 -19.17 2.29 -25.76
N SER B 126 -18.42 1.77 -24.78
CA SER B 126 -19.03 1.15 -23.61
C SER B 126 -19.49 2.16 -22.56
N GLY B 127 -19.30 3.46 -22.79
CA GLY B 127 -19.89 4.49 -21.96
C GLY B 127 -18.94 5.26 -21.05
N THR B 128 -17.67 4.90 -20.97
CA THR B 128 -16.75 5.51 -20.02
C THR B 128 -15.47 5.92 -20.73
N ALA B 129 -14.87 7.01 -20.24
CA ALA B 129 -13.60 7.50 -20.76
C ALA B 129 -12.56 7.49 -19.64
N SER B 130 -11.46 6.80 -19.87
CA SER B 130 -10.33 6.78 -18.95
C SER B 130 -9.17 7.51 -19.62
N VAL B 131 -8.63 8.51 -18.93
CA VAL B 131 -7.45 9.26 -19.37
C VAL B 131 -6.31 8.91 -18.42
N VAL B 132 -5.20 8.43 -18.97
CA VAL B 132 -4.07 7.95 -18.19
C VAL B 132 -2.87 8.86 -18.45
N CYS B 133 -2.25 9.31 -17.37
CA CYS B 133 -1.05 10.15 -17.40
C CYS B 133 0.08 9.39 -16.73
N LEU B 134 1.19 9.20 -17.44
CA LEU B 134 2.28 8.38 -16.93
C LEU B 134 3.49 9.25 -16.56
N LEU B 135 4.02 9.04 -15.35
CA LEU B 135 5.29 9.62 -14.92
C LEU B 135 6.27 8.47 -14.78
N ASN B 136 7.29 8.46 -15.62
CA ASN B 136 8.17 7.30 -15.74
C ASN B 136 9.58 7.62 -15.27
N ASN B 137 10.11 6.75 -14.42
CA ASN B 137 11.53 6.72 -14.04
C ASN B 137 12.00 8.05 -13.47
N PHE B 138 11.41 8.41 -12.33
CA PHE B 138 11.77 9.65 -11.66
C PHE B 138 12.29 9.37 -10.26
N TYR B 139 12.93 10.40 -9.68
CA TYR B 139 13.42 10.36 -8.31
C TYR B 139 13.68 11.79 -7.85
N PRO B 140 13.27 12.18 -6.63
CA PRO B 140 12.66 11.36 -5.56
C PRO B 140 11.19 11.01 -5.78
N ARG B 141 10.59 10.38 -4.76
CA ARG B 141 9.28 9.73 -4.94
C ARG B 141 8.15 10.73 -5.00
N GLU B 142 8.30 11.88 -4.36
CA GLU B 142 7.21 12.83 -4.28
C GLU B 142 7.00 13.51 -5.63
N ALA B 143 5.75 13.51 -6.09
CA ALA B 143 5.39 14.26 -7.29
C ALA B 143 3.94 14.71 -7.18
N LYS B 144 3.61 15.81 -7.84
CA LYS B 144 2.23 16.31 -7.85
C LYS B 144 1.71 16.30 -9.28
N VAL B 145 0.64 15.56 -9.50
CA VAL B 145 -0.02 15.48 -10.80
C VAL B 145 -1.38 16.14 -10.68
N GLN B 146 -1.71 17.00 -11.64
CA GLN B 146 -2.93 17.78 -11.59
C GLN B 146 -3.62 17.72 -12.95
N TRP B 147 -4.89 17.34 -12.95
CA TRP B 147 -5.67 17.22 -14.18
C TRP B 147 -6.42 18.52 -14.47
N LYS B 148 -6.46 18.89 -15.74
CA LYS B 148 -7.20 20.06 -16.17
C LYS B 148 -7.99 19.73 -17.42
N VAL B 149 -9.29 20.02 -17.39
CA VAL B 149 -10.20 19.83 -18.51
C VAL B 149 -10.72 21.20 -18.89
N ASP B 150 -10.45 21.63 -20.12
CA ASP B 150 -10.77 22.98 -20.56
C ASP B 150 -10.35 24.00 -19.50
N ASN B 151 -9.16 23.78 -18.94
CA ASN B 151 -8.52 24.57 -17.90
C ASN B 151 -9.22 24.52 -16.56
N ALA B 152 -10.23 23.66 -16.40
CA ALA B 152 -10.85 23.48 -15.09
C ALA B 152 -10.06 22.43 -14.32
N LEU B 153 -9.59 22.80 -13.14
CA LEU B 153 -8.85 21.87 -12.30
C LEU B 153 -9.78 20.80 -11.77
N GLN B 154 -9.38 19.53 -11.95
CA GLN B 154 -10.16 18.37 -11.59
C GLN B 154 -9.71 17.81 -10.25
N SER B 155 -10.67 17.51 -9.38
CA SER B 155 -10.36 16.99 -8.06
C SER B 155 -11.39 15.94 -7.68
N GLY B 156 -10.92 14.80 -7.17
CA GLY B 156 -11.79 13.76 -6.66
C GLY B 156 -12.26 12.74 -7.67
N ASN B 157 -11.84 12.84 -8.94
CA ASN B 157 -12.22 11.88 -9.97
C ASN B 157 -10.99 11.30 -10.65
N SER B 158 -9.93 11.06 -9.88
CA SER B 158 -8.73 10.42 -10.41
C SER B 158 -8.14 9.54 -9.32
N GLN B 159 -7.39 8.52 -9.74
CA GLN B 159 -6.71 7.64 -8.81
C GLN B 159 -5.26 7.45 -9.23
N GLU B 160 -4.37 7.35 -8.26
CA GLU B 160 -2.94 7.22 -8.48
C GLU B 160 -2.45 5.82 -8.09
N SER B 161 -1.39 5.38 -8.77
CA SER B 161 -0.72 4.14 -8.43
C SER B 161 0.77 4.31 -8.65
N VAL B 162 1.57 3.76 -7.75
CA VAL B 162 3.02 3.98 -7.75
C VAL B 162 3.73 2.64 -7.64
N THR B 163 4.78 2.47 -8.43
CA THR B 163 5.61 1.28 -8.36
C THR B 163 6.49 1.33 -7.10
N GLU B 164 7.08 0.19 -6.77
CA GLU B 164 8.15 0.16 -5.79
C GLU B 164 9.39 0.80 -6.40
N GLN B 165 10.35 1.12 -5.54
CA GLN B 165 11.62 1.62 -6.06
C GLN B 165 12.29 0.54 -6.90
N ASP B 166 12.72 0.91 -8.10
CA ASP B 166 13.29 -0.05 -9.02
C ASP B 166 14.59 -0.62 -8.48
N SER B 167 14.88 -1.86 -8.88
CA SER B 167 16.07 -2.54 -8.39
C SER B 167 17.34 -1.90 -8.95
N LYS B 168 17.37 -1.70 -10.27
CA LYS B 168 18.58 -1.16 -10.90
C LYS B 168 18.55 0.37 -10.97
N ASP B 169 17.47 0.94 -11.51
CA ASP B 169 17.40 2.39 -11.68
C ASP B 169 17.28 3.13 -10.36
N SER B 170 16.73 2.47 -9.33
CA SER B 170 16.34 3.13 -8.08
C SER B 170 15.35 4.26 -8.33
N THR B 171 14.57 4.17 -9.40
CA THR B 171 13.58 5.18 -9.73
C THR B 171 12.19 4.69 -9.39
N TYR B 172 11.23 5.59 -9.56
CA TYR B 172 9.83 5.31 -9.37
C TYR B 172 9.08 5.62 -10.65
N SER B 173 7.93 4.97 -10.82
CA SER B 173 7.00 5.35 -11.89
C SER B 173 5.62 5.49 -11.27
N LEU B 174 4.86 6.46 -11.77
CA LEU B 174 3.56 6.78 -11.21
C LEU B 174 2.51 6.79 -12.31
N SER B 175 1.31 6.37 -11.94
CA SER B 175 0.16 6.34 -12.83
C SER B 175 -0.98 7.14 -12.20
N SER B 176 -1.65 7.97 -13.00
CA SER B 176 -2.80 8.74 -12.53
C SER B 176 -3.87 8.59 -13.59
N THR B 177 -5.07 8.15 -13.18
CA THR B 177 -6.13 7.82 -14.13
C THR B 177 -7.35 8.69 -13.87
N LEU B 178 -7.64 9.58 -14.81
CA LEU B 178 -8.86 10.37 -14.75
C LEU B 178 -9.99 9.61 -15.42
N THR B 179 -11.10 9.45 -14.71
CA THR B 179 -12.24 8.69 -15.22
C THR B 179 -13.42 9.64 -15.39
N LEU B 180 -13.95 9.70 -16.60
CA LEU B 180 -15.13 10.49 -16.91
C LEU B 180 -16.17 9.60 -17.55
N SER B 181 -17.43 10.00 -17.43
CA SER B 181 -18.46 9.42 -18.26
C SER B 181 -18.28 9.88 -19.69
N LYS B 182 -18.81 9.09 -20.64
CA LYS B 182 -18.73 9.47 -22.05
C LYS B 182 -19.39 10.81 -22.29
N ALA B 183 -20.57 11.03 -21.71
CA ALA B 183 -21.28 12.29 -21.91
C ALA B 183 -20.46 13.47 -21.42
N ASP B 184 -19.87 13.35 -20.23
CA ASP B 184 -19.02 14.41 -19.73
C ASP B 184 -17.79 14.60 -20.61
N TYR B 185 -17.17 13.51 -21.05
CA TYR B 185 -15.95 13.60 -21.84
C TYR B 185 -16.17 14.38 -23.13
N GLU B 186 -17.33 14.17 -23.77
CA GLU B 186 -17.61 14.81 -25.05
C GLU B 186 -18.11 16.23 -24.92
N LYS B 187 -18.37 16.69 -23.70
CA LYS B 187 -18.75 18.08 -23.47
C LYS B 187 -17.56 19.02 -23.39
N HIS B 188 -16.33 18.51 -23.50
CA HIS B 188 -15.16 19.33 -23.31
C HIS B 188 -14.05 18.91 -24.26
N LYS B 189 -13.08 19.81 -24.44
CA LYS B 189 -12.11 19.72 -25.52
C LYS B 189 -10.70 19.39 -25.03
N VAL B 190 -10.12 20.22 -24.17
CA VAL B 190 -8.71 20.10 -23.80
C VAL B 190 -8.58 19.25 -22.55
N TYR B 191 -7.70 18.25 -22.60
CA TYR B 191 -7.45 17.35 -21.46
C TYR B 191 -5.97 17.40 -21.13
N ALA B 192 -5.63 18.09 -20.05
CA ALA B 192 -4.24 18.38 -19.73
C ALA B 192 -3.85 17.67 -18.45
N CYS B 193 -2.60 17.22 -18.43
CA CYS B 193 -1.98 16.60 -17.26
C CYS B 193 -0.76 17.41 -16.89
N GLU B 194 -0.75 18.00 -15.71
CA GLU B 194 0.29 18.94 -15.30
C GLU B 194 1.05 18.38 -14.10
N VAL B 195 2.37 18.29 -14.24
CA VAL B 195 3.21 17.54 -13.32
C VAL B 195 4.18 18.49 -12.65
N THR B 196 4.30 18.38 -11.32
CA THR B 196 5.29 19.12 -10.55
C THR B 196 6.21 18.14 -9.86
N HIS B 197 7.51 18.40 -9.93
CA HIS B 197 8.52 17.50 -9.40
C HIS B 197 9.80 18.28 -9.17
N GLN B 198 10.66 17.76 -8.30
CA GLN B 198 11.89 18.48 -7.96
C GLN B 198 12.84 18.60 -9.14
N GLY B 199 12.83 17.61 -10.05
CA GLY B 199 13.70 17.63 -11.21
C GLY B 199 13.20 18.46 -12.37
N LEU B 200 12.13 19.22 -12.18
CA LEU B 200 11.54 20.07 -13.21
C LEU B 200 11.73 21.51 -12.80
N SER B 201 12.44 22.28 -13.63
CA SER B 201 12.61 23.71 -13.37
C SER B 201 11.25 24.38 -13.22
N SER B 202 10.29 24.00 -14.06
CA SER B 202 8.93 24.49 -14.02
C SER B 202 8.01 23.34 -14.30
N PRO B 203 6.73 23.42 -13.88
CA PRO B 203 5.82 22.31 -14.09
C PRO B 203 5.66 21.97 -15.56
N VAL B 204 5.50 20.68 -15.84
CA VAL B 204 5.42 20.15 -17.20
C VAL B 204 3.97 19.80 -17.50
N THR B 205 3.48 20.26 -18.64
CA THR B 205 2.10 20.03 -19.03
C THR B 205 2.07 19.20 -20.30
N LYS B 206 1.35 18.09 -20.27
CA LYS B 206 1.11 17.28 -21.44
C LYS B 206 -0.39 17.20 -21.66
N SER B 207 -0.85 17.56 -22.86
CA SER B 207 -2.27 17.65 -23.13
C SER B 207 -2.57 17.18 -24.54
N PHE B 208 -3.84 16.87 -24.77
CA PHE B 208 -4.38 16.56 -26.09
C PHE B 208 -5.77 17.14 -26.19
N ASN B 209 -6.27 17.23 -27.42
CA ASN B 209 -7.65 17.64 -27.69
C ASN B 209 -8.46 16.44 -28.13
N ARG B 210 -9.70 16.35 -27.65
CA ARG B 210 -10.53 15.20 -27.92
C ARG B 210 -10.74 15.02 -29.42
N GLY B 211 -10.54 13.80 -29.90
CA GLY B 211 -10.71 13.50 -31.31
C GLY B 211 -9.56 13.91 -32.19
N GLU B 212 -8.38 14.15 -31.63
CA GLU B 212 -7.25 14.62 -32.41
C GLU B 212 -6.77 13.55 -33.39
N ASN C 1 -9.26 0.07 31.70
CA ASN C 1 -7.96 0.45 31.17
C ASN C 1 -7.36 -0.67 30.31
N PRO C 2 -7.31 -0.46 28.99
CA PRO C 2 -6.80 -1.52 28.10
C PRO C 2 -5.29 -1.68 28.15
N ASN C 3 -4.57 -0.71 28.70
CA ASN C 3 -3.11 -0.76 28.77
C ASN C 3 -2.59 -1.50 29.99
N ALA C 4 -3.47 -1.95 30.88
CA ALA C 4 -3.04 -2.82 31.97
C ALA C 4 -2.41 -4.07 31.38
N ASN C 5 -1.38 -4.57 32.06
CA ASN C 5 -0.64 -5.73 31.58
C ASN C 5 -1.57 -6.92 31.42
N PRO C 6 -1.74 -7.47 30.23
CA PRO C 6 -2.59 -8.65 30.05
C PRO C 6 -1.88 -9.98 30.19
N ASN C 7 -0.60 -9.98 30.57
CA ASN C 7 0.19 -11.20 30.65
C ASN C 7 0.32 -11.67 32.09
N ALA C 8 0.91 -12.85 32.25
CA ALA C 8 1.12 -13.43 33.57
C ALA C 8 2.61 -13.68 33.83
#